data_5N66
#
_entry.id   5N66
#
_cell.length_a   66.750
_cell.length_b   74.000
_cell.length_c   79.230
_cell.angle_alpha   90.00
_cell.angle_beta   90.00
_cell.angle_gamma   90.00
#
_symmetry.space_group_name_H-M   'P 21 21 21'
#
loop_
_entity.id
_entity.type
_entity.pdbx_description
1 polymer 'Mitogen-activated protein kinase 14'
2 non-polymer ~{N}4-[[4-(cyclopropylmethyl)furan-2-yl]methyl]-2-phenyl-quinazoline-4,7-diamine
3 non-polymer 1-(5-TERT-BUTYL-2-P-TOLYL-2H-PYRAZOL-3-YL)-3-[4-(2-MORPHOLIN-4-YL-ETHOXY)-NAPHTHALEN-1-YL]-UREA
4 water water
#
_entity_poly.entity_id   1
_entity_poly.type   'polypeptide(L)'
_entity_poly.pdbx_seq_one_letter_code
;MSQERPTFYRQELNKTIWEVPERYQNLSPVGSGAYGSVCAAFDTKTGLRVAVKKLSRPFQSIIHAKRTYRELRLLKHMKH
ENVIGLLDVFTPARSLEEFNDVYLVTHLMGADLNNIVKCQKLTDDHVQFLIYQILRGLKYIHSADIIHRDLKPSNLAVNE
DCELKILDFGLARHTDDEMTGYVATRWYRAPEIMLNWMHYNQTVDIWSVGCIMAELLTGRTLFPGTDHIDQLKLILRLVG
TPGAELLKKISSESARNYIQSLTQMPKMNFANVFIGANPLAVDLLEKMLVLDSDKRITAAQALAHAYFAQYHDPDDEPVA
DPYDQSFESRDLLIDEWKSLTYDEVISFVPPPLDQEEMES
;
_entity_poly.pdbx_strand_id   A
#
# COMPACT_ATOMS: atom_id res chain seq x y z
N PRO A 6 -30.68 9.39 -9.34
CA PRO A 6 -29.67 10.41 -9.62
C PRO A 6 -29.45 10.63 -11.11
N THR A 7 -29.43 11.89 -11.55
CA THR A 7 -29.24 12.21 -12.95
C THR A 7 -27.74 12.34 -13.24
N PHE A 8 -27.36 11.87 -14.43
CA PHE A 8 -25.97 11.85 -14.86
C PHE A 8 -25.74 12.86 -15.98
N TYR A 9 -24.49 13.28 -16.12
CA TYR A 9 -24.06 14.13 -17.22
C TYR A 9 -22.75 13.59 -17.80
N ARG A 10 -22.39 14.08 -18.97
CA ARG A 10 -21.27 13.53 -19.73
C ARG A 10 -20.30 14.64 -20.11
N GLN A 11 -19.01 14.29 -20.12
CA GLN A 11 -17.97 15.16 -20.66
C GLN A 11 -16.72 14.32 -20.89
N GLU A 12 -15.95 14.72 -21.89
CA GLU A 12 -14.69 14.07 -22.24
C GLU A 12 -13.53 14.79 -21.56
N LEU A 13 -12.66 14.02 -20.90
CA LEU A 13 -11.51 14.58 -20.17
C LEU A 13 -10.28 13.71 -20.49
N ASN A 14 -9.49 14.16 -21.45
CA ASN A 14 -8.26 13.47 -21.84
C ASN A 14 -8.57 12.07 -22.35
N LYS A 15 -9.21 11.99 -23.52
CA LYS A 15 -9.50 10.76 -24.23
C LYS A 15 -10.57 9.90 -23.55
N THR A 16 -10.68 9.96 -22.22
CA THR A 16 -11.67 9.19 -21.48
C THR A 16 -12.91 10.03 -21.21
N ILE A 17 -14.08 9.49 -21.57
CA ILE A 17 -15.38 10.13 -21.34
C ILE A 17 -15.90 9.69 -19.98
N TRP A 18 -16.49 10.62 -19.25
CA TRP A 18 -16.95 10.38 -17.89
C TRP A 18 -18.45 10.60 -17.80
N GLU A 19 -19.15 9.63 -17.22
CA GLU A 19 -20.56 9.77 -16.86
C GLU A 19 -20.65 9.73 -15.33
N VAL A 20 -20.90 10.88 -14.73
CA VAL A 20 -20.93 10.98 -13.26
C VAL A 20 -22.25 11.60 -12.82
N PRO A 21 -22.72 11.33 -11.62
CA PRO A 21 -23.93 11.98 -11.11
C PRO A 21 -23.71 13.49 -10.98
N GLU A 22 -24.83 14.20 -10.85
CA GLU A 22 -24.78 15.67 -10.80
C GLU A 22 -24.08 16.18 -9.55
N ARG A 23 -23.94 15.36 -8.51
CA ARG A 23 -23.35 15.83 -7.26
C ARG A 23 -21.88 16.17 -7.40
N TYR A 24 -21.19 15.54 -8.36
CA TYR A 24 -19.77 15.74 -8.57
C TYR A 24 -19.56 16.77 -9.66
N GLN A 25 -18.90 17.87 -9.33
CA GLN A 25 -18.70 18.99 -10.23
C GLN A 25 -17.20 19.30 -10.37
N ASN A 26 -16.89 20.07 -11.41
CA ASN A 26 -15.53 20.57 -11.63
C ASN A 26 -14.51 19.44 -11.71
N LEU A 27 -14.77 18.49 -12.61
CA LEU A 27 -13.87 17.36 -12.78
C LEU A 27 -12.54 17.82 -13.38
N SER A 28 -11.44 17.36 -12.80
CA SER A 28 -10.12 17.76 -13.26
C SER A 28 -9.19 16.55 -13.30
N PRO A 29 -8.56 16.27 -14.43
CA PRO A 29 -7.72 15.06 -14.53
C PRO A 29 -6.52 15.14 -13.60
N VAL A 30 -6.18 14.00 -12.99
CA VAL A 30 -5.10 13.90 -12.03
C VAL A 30 -4.00 12.95 -12.51
N GLY A 31 -4.37 11.76 -12.92
CA GLY A 31 -3.38 10.80 -13.38
C GLY A 31 -4.01 9.57 -13.99
N SER A 32 -3.20 8.53 -14.12
CA SER A 32 -3.65 7.27 -14.70
C SER A 32 -2.90 6.08 -14.09
N GLY A 36 -6.59 2.29 -14.65
CA GLY A 36 -7.66 3.25 -14.40
C GLY A 36 -7.21 4.70 -14.51
N SER A 37 -8.18 5.60 -14.57
CA SER A 37 -7.94 7.03 -14.66
C SER A 37 -8.61 7.74 -13.49
N VAL A 38 -7.93 8.75 -12.95
CA VAL A 38 -8.38 9.46 -11.76
C VAL A 38 -8.69 10.91 -12.12
N CYS A 39 -9.77 11.43 -11.53
CA CYS A 39 -10.16 12.82 -11.68
C CYS A 39 -10.45 13.42 -10.31
N ALA A 40 -10.05 14.68 -10.12
CA ALA A 40 -10.39 15.44 -8.94
C ALA A 40 -11.70 16.17 -9.17
N ALA A 41 -12.56 16.18 -8.15
CA ALA A 41 -13.87 16.79 -8.28
C ALA A 41 -14.32 17.34 -6.94
N PHE A 42 -15.41 18.09 -6.97
CA PHE A 42 -16.04 18.65 -5.78
C PHE A 42 -17.40 17.97 -5.58
N ASP A 43 -17.62 17.45 -4.38
CA ASP A 43 -18.86 16.75 -4.04
C ASP A 43 -19.82 17.73 -3.39
N THR A 44 -20.86 18.10 -4.12
CA THR A 44 -21.83 19.08 -3.60
C THR A 44 -22.70 18.51 -2.49
N LYS A 45 -22.76 17.19 -2.35
CA LYS A 45 -23.56 16.60 -1.28
C LYS A 45 -22.83 16.67 0.06
N THR A 46 -21.52 16.48 0.05
CA THR A 46 -20.72 16.51 1.28
C THR A 46 -19.88 17.77 1.43
N GLY A 47 -19.59 18.48 0.35
CA GLY A 47 -18.71 19.63 0.42
C GLY A 47 -17.24 19.29 0.43
N LEU A 48 -16.88 18.06 0.05
CA LEU A 48 -15.50 17.59 0.08
C LEU A 48 -14.89 17.60 -1.32
N ARG A 49 -13.61 17.90 -1.39
CA ARG A 49 -12.85 17.63 -2.60
C ARG A 49 -12.58 16.13 -2.67
N VAL A 50 -12.94 15.51 -3.78
CA VAL A 50 -12.88 14.05 -3.90
C VAL A 50 -12.03 13.67 -5.09
N ALA A 51 -11.60 12.41 -5.11
CA ALA A 51 -10.92 11.81 -6.23
C ALA A 51 -11.80 10.71 -6.81
N VAL A 52 -12.08 10.80 -8.11
CA VAL A 52 -12.94 9.84 -8.79
C VAL A 52 -12.08 9.02 -9.74
N LYS A 53 -12.04 7.70 -9.52
CA LYS A 53 -11.26 6.79 -10.34
C LYS A 53 -12.22 5.98 -11.21
N LYS A 54 -12.08 6.13 -12.54
CA LYS A 54 -12.84 5.34 -13.49
C LYS A 54 -12.01 4.12 -13.90
N LEU A 55 -12.55 2.93 -13.64
CA LEU A 55 -11.84 1.71 -14.00
C LEU A 55 -11.85 1.54 -15.51
N SER A 56 -10.67 1.25 -16.06
CA SER A 56 -10.51 1.10 -17.51
C SER A 56 -10.76 -0.34 -17.92
N ARG A 57 -11.81 -0.57 -18.71
CA ARG A 57 -12.22 -1.89 -19.17
C ARG A 57 -12.31 -2.86 -18.00
N PRO A 58 -13.29 -2.70 -17.10
CA PRO A 58 -13.30 -3.51 -15.87
C PRO A 58 -13.54 -4.99 -16.13
N PHE A 59 -14.13 -5.36 -17.25
CA PHE A 59 -14.48 -6.74 -17.53
C PHE A 59 -13.98 -7.16 -18.92
N GLN A 60 -12.78 -6.70 -19.28
CA GLN A 60 -12.21 -7.08 -20.57
C GLN A 60 -11.83 -8.56 -20.59
N SER A 61 -11.42 -9.11 -19.45
CA SER A 61 -11.00 -10.51 -19.36
C SER A 61 -11.38 -11.05 -17.99
N ILE A 62 -11.12 -12.34 -17.78
CA ILE A 62 -11.33 -12.91 -16.45
C ILE A 62 -10.38 -12.26 -15.46
N ILE A 63 -9.18 -11.92 -15.90
CA ILE A 63 -8.21 -11.27 -15.00
C ILE A 63 -8.71 -9.90 -14.59
N HIS A 64 -9.21 -9.10 -15.55
CA HIS A 64 -9.71 -7.77 -15.22
C HIS A 64 -10.95 -7.85 -14.35
N ALA A 65 -11.87 -8.78 -14.66
CA ALA A 65 -13.13 -8.85 -13.92
C ALA A 65 -12.90 -9.22 -12.47
N LYS A 66 -12.05 -10.22 -12.21
CA LYS A 66 -11.76 -10.61 -10.84
C LYS A 66 -10.97 -9.51 -10.13
N ARG A 67 -10.07 -8.84 -10.84
CA ARG A 67 -9.35 -7.71 -10.26
C ARG A 67 -10.32 -6.58 -9.88
N THR A 68 -11.32 -6.33 -10.73
CA THR A 68 -12.31 -5.31 -10.42
C THR A 68 -13.10 -5.67 -9.16
N TYR A 69 -13.52 -6.93 -9.06
CA TYR A 69 -14.26 -7.37 -7.88
C TYR A 69 -13.38 -7.30 -6.63
N ARG A 70 -12.10 -7.66 -6.78
CA ARG A 70 -11.20 -7.64 -5.64
C ARG A 70 -11.03 -6.23 -5.09
N GLU A 71 -10.83 -5.25 -5.97
CA GLU A 71 -10.61 -3.88 -5.52
C GLU A 71 -11.86 -3.30 -4.87
N LEU A 72 -13.04 -3.56 -5.46
CA LEU A 72 -14.27 -3.02 -4.89
C LEU A 72 -14.57 -3.66 -3.54
N ARG A 73 -14.31 -4.96 -3.41
CA ARG A 73 -14.50 -5.63 -2.12
C ARG A 73 -13.56 -5.09 -1.07
N LEU A 74 -12.30 -4.82 -1.46
CA LEU A 74 -11.32 -4.31 -0.52
C LEU A 74 -11.68 -2.90 -0.06
N LEU A 75 -11.98 -2.02 -1.00
CA LEU A 75 -12.25 -0.62 -0.65
C LEU A 75 -13.51 -0.48 0.19
N LYS A 76 -14.51 -1.32 -0.06
CA LYS A 76 -15.73 -1.26 0.75
C LYS A 76 -15.48 -1.72 2.19
N HIS A 77 -14.47 -2.55 2.39
CA HIS A 77 -14.19 -3.10 3.72
C HIS A 77 -13.28 -2.20 4.54
N MET A 78 -12.41 -1.42 3.90
CA MET A 78 -11.45 -0.58 4.59
C MET A 78 -12.18 0.59 5.24
N LYS A 79 -12.19 0.62 6.58
CA LYS A 79 -12.80 1.70 7.36
C LYS A 79 -11.81 2.06 8.48
N HIS A 80 -10.76 2.80 8.10
CA HIS A 80 -9.70 3.15 9.04
C HIS A 80 -9.13 4.50 8.63
N GLU A 81 -8.68 5.26 9.61
CA GLU A 81 -8.25 6.63 9.37
C GLU A 81 -7.00 6.69 8.50
N ASN A 82 -6.15 5.68 8.57
CA ASN A 82 -4.89 5.68 7.82
C ASN A 82 -4.94 4.77 6.60
N VAL A 83 -6.12 4.31 6.20
CA VAL A 83 -6.29 3.50 4.99
C VAL A 83 -7.34 4.17 4.13
N ILE A 84 -7.11 4.17 2.81
CA ILE A 84 -8.04 4.81 1.89
C ILE A 84 -9.40 4.13 1.98
N GLY A 85 -10.45 4.92 2.10
CA GLY A 85 -11.81 4.43 2.20
C GLY A 85 -12.63 4.82 0.98
N LEU A 86 -13.83 4.25 0.91
CA LEU A 86 -14.73 4.48 -0.20
C LEU A 86 -15.84 5.42 0.23
N LEU A 87 -15.87 6.62 -0.36
CA LEU A 87 -16.96 7.55 -0.10
C LEU A 87 -18.19 7.21 -0.94
N ASP A 88 -18.00 6.68 -2.14
CA ASP A 88 -19.09 6.37 -3.04
C ASP A 88 -18.57 5.48 -4.16
N VAL A 89 -19.48 4.69 -4.72
CA VAL A 89 -19.23 3.90 -5.93
C VAL A 89 -20.51 3.90 -6.75
N PHE A 90 -20.40 4.25 -8.03
CA PHE A 90 -21.56 4.39 -8.89
C PHE A 90 -21.25 3.85 -10.27
N THR A 91 -22.32 3.67 -11.06
CA THR A 91 -22.24 3.24 -12.45
C THR A 91 -23.39 3.88 -13.20
N PRO A 92 -23.18 4.29 -14.46
CA PRO A 92 -24.29 4.86 -15.23
C PRO A 92 -25.36 3.85 -15.60
N ALA A 93 -25.15 2.57 -15.32
CA ALA A 93 -26.07 1.53 -15.71
C ALA A 93 -27.29 1.51 -14.79
N ARG A 94 -28.43 1.14 -15.37
CA ARG A 94 -29.67 0.93 -14.62
C ARG A 94 -29.96 -0.54 -14.37
N SER A 95 -29.17 -1.45 -14.95
CA SER A 95 -29.35 -2.87 -14.79
C SER A 95 -28.05 -3.58 -15.11
N LEU A 96 -28.01 -4.88 -14.82
CA LEU A 96 -26.82 -5.68 -15.06
C LEU A 96 -26.53 -5.82 -16.56
N GLU A 97 -27.55 -5.68 -17.41
CA GLU A 97 -27.33 -5.89 -18.84
C GLU A 97 -26.49 -4.78 -19.46
N GLU A 98 -26.55 -3.57 -18.92
CA GLU A 98 -25.79 -2.44 -19.43
C GLU A 98 -24.69 -1.99 -18.47
N PHE A 99 -24.23 -2.89 -17.60
CA PHE A 99 -23.23 -2.56 -16.60
C PHE A 99 -21.84 -2.78 -17.19
N ASN A 100 -21.16 -1.68 -17.52
CA ASN A 100 -19.83 -1.77 -18.11
C ASN A 100 -18.83 -0.76 -17.56
N ASP A 101 -19.25 0.20 -16.73
CA ASP A 101 -18.35 1.19 -16.14
C ASP A 101 -18.46 1.15 -14.63
N VAL A 102 -17.32 1.30 -13.95
CA VAL A 102 -17.26 1.35 -12.49
C VAL A 102 -16.46 2.57 -12.09
N TYR A 103 -17.01 3.38 -11.19
CA TYR A 103 -16.34 4.57 -10.68
C TYR A 103 -16.16 4.44 -9.16
N LEU A 104 -15.00 4.87 -8.68
CA LEU A 104 -14.66 4.81 -7.27
C LEU A 104 -14.36 6.21 -6.77
N VAL A 105 -14.98 6.58 -5.65
CA VAL A 105 -14.87 7.93 -5.09
C VAL A 105 -14.23 7.83 -3.71
N THR A 106 -13.21 8.66 -3.48
CA THR A 106 -12.53 8.72 -2.19
C THR A 106 -12.16 10.17 -1.90
N HIS A 107 -11.62 10.38 -0.70
CA HIS A 107 -11.13 11.71 -0.33
C HIS A 107 -10.00 12.13 -1.25
N LEU A 108 -9.84 13.45 -1.40
CA LEU A 108 -8.74 14.02 -2.16
C LEU A 108 -7.65 14.44 -1.18
N MET A 109 -6.51 13.78 -1.25
CA MET A 109 -5.38 14.11 -0.40
C MET A 109 -4.48 15.13 -1.08
N GLY A 110 -3.65 15.79 -0.27
CA GLY A 110 -2.82 16.86 -0.79
C GLY A 110 -1.80 16.38 -1.81
N ALA A 111 -1.01 15.38 -1.43
CA ALA A 111 0.04 14.84 -2.29
C ALA A 111 0.40 13.45 -1.79
N ASP A 112 1.45 12.87 -2.35
CA ASP A 112 1.97 11.60 -1.92
C ASP A 112 3.32 11.79 -1.23
N LEU A 113 3.72 10.76 -0.48
CA LEU A 113 4.99 10.83 0.24
C LEU A 113 6.19 10.92 -0.69
N ASN A 114 6.01 10.56 -1.96
CA ASN A 114 7.10 10.66 -2.93
C ASN A 114 7.47 12.12 -3.19
N ASN A 115 6.46 12.99 -3.28
CA ASN A 115 6.74 14.41 -3.51
C ASN A 115 7.40 15.05 -2.29
N ILE A 116 6.99 14.65 -1.09
CA ILE A 116 7.48 15.31 0.12
C ILE A 116 8.93 14.95 0.38
N VAL A 117 9.32 13.69 0.12
CA VAL A 117 10.67 13.26 0.47
C VAL A 117 11.71 13.87 -0.45
N LYS A 118 11.32 14.24 -1.67
CA LYS A 118 12.26 14.81 -2.63
C LYS A 118 12.19 16.33 -2.72
N CYS A 119 11.15 16.95 -2.15
CA CYS A 119 11.01 18.40 -2.17
C CYS A 119 11.18 19.04 -0.80
N GLN A 120 11.21 18.26 0.28
CA GLN A 120 11.33 18.79 1.62
C GLN A 120 12.26 17.89 2.44
N LYS A 121 12.84 18.49 3.49
CA LYS A 121 13.60 17.75 4.48
C LYS A 121 12.74 17.56 5.72
N LEU A 122 12.70 16.34 6.23
CA LEU A 122 11.81 15.95 7.32
C LEU A 122 12.59 15.86 8.62
N THR A 123 12.06 16.52 9.66
CA THR A 123 12.62 16.36 11.00
C THR A 123 12.33 14.96 11.53
N ASP A 124 13.10 14.57 12.55
CA ASP A 124 12.86 13.26 13.17
C ASP A 124 11.46 13.20 13.78
N ASP A 125 10.91 14.35 14.19
CA ASP A 125 9.53 14.37 14.68
C ASP A 125 8.55 14.03 13.56
N HIS A 126 8.80 14.54 12.35
CA HIS A 126 7.92 14.23 11.23
C HIS A 126 8.02 12.76 10.83
N VAL A 127 9.21 12.16 10.96
CA VAL A 127 9.36 10.76 10.62
C VAL A 127 8.59 9.88 11.60
N GLN A 128 8.62 10.24 12.88
CA GLN A 128 7.85 9.49 13.88
C GLN A 128 6.37 9.48 13.53
N PHE A 129 5.80 10.66 13.25
CA PHE A 129 4.36 10.75 12.97
C PHE A 129 4.00 10.03 11.68
N LEU A 130 4.85 10.17 10.66
CA LEU A 130 4.52 9.56 9.36
C LEU A 130 4.65 8.04 9.41
N ILE A 131 5.72 7.54 10.01
CA ILE A 131 5.89 6.09 10.10
C ILE A 131 4.87 5.48 11.05
N TYR A 132 4.49 6.21 12.10
CA TYR A 132 3.47 5.71 13.02
C TYR A 132 2.14 5.50 12.32
N GLN A 133 1.76 6.41 11.41
CA GLN A 133 0.50 6.27 10.71
C GLN A 133 0.52 5.10 9.74
N ILE A 134 1.68 4.83 9.12
CA ILE A 134 1.79 3.67 8.25
C ILE A 134 1.61 2.39 9.05
N LEU A 135 2.34 2.28 10.17
CA LEU A 135 2.21 1.09 11.00
C LEU A 135 0.83 0.96 11.62
N ARG A 136 0.19 2.10 11.93
CA ARG A 136 -1.18 2.06 12.41
C ARG A 136 -2.12 1.52 11.34
N GLY A 137 -1.91 1.91 10.08
CA GLY A 137 -2.73 1.38 9.02
C GLY A 137 -2.40 -0.07 8.68
N LEU A 138 -1.12 -0.43 8.77
CA LEU A 138 -0.71 -1.80 8.46
C LEU A 138 -1.28 -2.79 9.47
N LYS A 139 -1.32 -2.41 10.75
CA LYS A 139 -1.93 -3.27 11.76
C LYS A 139 -3.39 -3.56 11.42
N TYR A 140 -4.11 -2.52 10.98
CA TYR A 140 -5.50 -2.70 10.58
C TYR A 140 -5.59 -3.60 9.35
N ILE A 141 -4.73 -3.38 8.36
CA ILE A 141 -4.77 -4.17 7.13
C ILE A 141 -4.38 -5.61 7.42
N HIS A 142 -3.27 -5.81 8.12
CA HIS A 142 -2.81 -7.17 8.41
C HIS A 142 -3.79 -7.94 9.29
N SER A 143 -4.55 -7.25 10.14
CA SER A 143 -5.51 -7.94 10.98
C SER A 143 -6.68 -8.51 10.18
N ALA A 144 -6.88 -8.05 8.95
CA ALA A 144 -7.90 -8.58 8.06
C ALA A 144 -7.34 -9.63 7.12
N ASP A 145 -6.16 -10.19 7.41
CA ASP A 145 -5.51 -11.20 6.57
C ASP A 145 -5.25 -10.67 5.16
N ILE A 146 -4.74 -9.44 5.08
CA ILE A 146 -4.46 -8.77 3.81
C ILE A 146 -3.02 -8.28 3.84
N ILE A 147 -2.30 -8.54 2.75
CA ILE A 147 -0.91 -8.08 2.59
C ILE A 147 -0.88 -7.08 1.44
N HIS A 148 -0.18 -5.97 1.66
CA HIS A 148 -0.15 -4.91 0.65
C HIS A 148 0.75 -5.28 -0.52
N ARG A 149 1.99 -5.68 -0.21
CA ARG A 149 2.99 -6.15 -1.18
C ARG A 149 3.55 -5.04 -2.06
N ASP A 150 2.95 -3.85 -2.05
CA ASP A 150 3.36 -2.79 -2.96
C ASP A 150 3.57 -1.47 -2.21
N LEU A 151 4.03 -1.54 -0.97
CA LEU A 151 4.26 -0.32 -0.20
C LEU A 151 5.46 0.45 -0.71
N LYS A 152 5.24 1.72 -1.05
CA LYS A 152 6.29 2.61 -1.51
C LYS A 152 5.76 4.04 -1.38
N PRO A 153 6.65 5.04 -1.41
CA PRO A 153 6.20 6.43 -1.17
C PRO A 153 5.05 6.87 -2.06
N SER A 154 5.01 6.44 -3.32
CA SER A 154 3.95 6.84 -4.23
C SER A 154 2.60 6.20 -3.91
N ASN A 155 2.56 5.23 -2.99
CA ASN A 155 1.32 4.62 -2.55
C ASN A 155 0.87 5.14 -1.18
N LEU A 156 1.47 6.23 -0.71
CA LEU A 156 1.13 6.81 0.59
C LEU A 156 0.78 8.28 0.38
N ALA A 157 -0.47 8.63 0.67
CA ALA A 157 -0.97 9.98 0.47
C ALA A 157 -0.94 10.75 1.78
N VAL A 158 -0.50 12.00 1.72
CA VAL A 158 -0.30 12.85 2.90
C VAL A 158 -0.98 14.19 2.66
N ASN A 159 -1.62 14.71 3.70
CA ASN A 159 -2.20 16.04 3.65
C ASN A 159 -1.20 17.08 4.15
N GLU A 160 -1.62 18.35 4.17
CA GLU A 160 -0.74 19.41 4.62
C GLU A 160 -0.48 19.35 6.12
N ASP A 161 -1.34 18.67 6.89
CA ASP A 161 -1.14 18.48 8.31
C ASP A 161 -0.46 17.15 8.63
N CYS A 162 0.20 16.54 7.65
CA CYS A 162 0.93 15.29 7.77
C CYS A 162 0.04 14.10 8.12
N GLU A 163 -1.26 14.17 7.79
CA GLU A 163 -2.14 13.02 7.96
C GLU A 163 -1.98 12.09 6.76
N LEU A 164 -1.74 10.81 7.03
CA LEU A 164 -1.33 9.86 6.01
C LEU A 164 -2.40 8.79 5.80
N LYS A 165 -2.56 8.37 4.54
CA LYS A 165 -3.45 7.29 4.17
C LYS A 165 -2.71 6.31 3.27
N ILE A 166 -2.90 5.02 3.52
CA ILE A 166 -2.34 3.98 2.67
C ILE A 166 -3.28 3.72 1.50
N LEU A 167 -2.73 3.64 0.30
CA LEU A 167 -3.49 3.28 -0.89
C LEU A 167 -2.64 2.35 -1.75
N ASP A 168 -3.23 1.86 -2.84
CA ASP A 168 -2.53 0.97 -3.77
C ASP A 168 -2.76 1.52 -5.18
N PHE A 169 -1.97 2.53 -5.55
CA PHE A 169 -2.09 3.17 -6.86
C PHE A 169 -1.49 2.28 -7.94
N VAL A 183 9.94 5.71 -9.57
CA VAL A 183 9.98 4.99 -8.30
C VAL A 183 9.74 3.50 -8.52
N ALA A 184 10.83 2.72 -8.48
CA ALA A 184 10.74 1.29 -8.70
C ALA A 184 10.21 0.58 -7.47
N THR A 185 9.31 -0.38 -7.69
CA THR A 185 8.75 -1.15 -6.59
C THR A 185 9.79 -2.05 -5.96
N ARG A 186 10.73 -2.58 -6.76
CA ARG A 186 11.73 -3.51 -6.24
C ARG A 186 12.64 -2.88 -5.20
N TRP A 187 12.75 -1.55 -5.18
CA TRP A 187 13.55 -0.88 -4.17
C TRP A 187 13.00 -1.09 -2.76
N TYR A 188 11.71 -1.38 -2.63
CA TYR A 188 11.08 -1.55 -1.33
C TYR A 188 10.55 -2.96 -1.12
N ARG A 189 10.82 -3.88 -2.05
CA ARG A 189 10.36 -5.25 -1.94
C ARG A 189 11.21 -6.03 -0.95
N ALA A 190 10.54 -6.83 -0.12
CA ALA A 190 11.25 -7.71 0.81
C ALA A 190 12.08 -8.72 0.02
N PRO A 191 13.25 -9.11 0.55
CA PRO A 191 14.10 -10.06 -0.18
C PRO A 191 13.43 -11.40 -0.45
N GLU A 192 12.54 -11.85 0.43
CA GLU A 192 11.82 -13.10 0.16
C GLU A 192 10.89 -12.98 -1.03
N ILE A 193 10.47 -11.76 -1.39
CA ILE A 193 9.69 -11.57 -2.61
C ILE A 193 10.62 -11.55 -3.82
N MET A 194 11.81 -10.97 -3.69
CA MET A 194 12.76 -10.93 -4.79
C MET A 194 13.14 -12.34 -5.23
N LEU A 195 13.41 -13.21 -4.27
CA LEU A 195 13.76 -14.59 -4.61
C LEU A 195 12.54 -15.46 -4.89
N ASN A 196 11.35 -14.87 -4.85
CA ASN A 196 10.12 -15.57 -5.23
C ASN A 196 9.81 -16.71 -4.28
N TRP A 197 9.93 -16.42 -2.99
CA TRP A 197 9.41 -17.34 -1.98
C TRP A 197 7.89 -17.26 -1.96
N MET A 198 7.25 -18.42 -1.93
CA MET A 198 5.81 -18.52 -2.09
C MET A 198 5.08 -18.72 -0.78
N HIS A 199 5.74 -18.49 0.36
CA HIS A 199 5.12 -18.66 1.67
C HIS A 199 5.58 -17.55 2.62
N TYR A 200 5.77 -16.35 2.09
CA TYR A 200 6.11 -15.20 2.92
C TYR A 200 4.91 -14.80 3.77
N ASN A 201 5.18 -13.98 4.78
CA ASN A 201 4.13 -13.53 5.69
C ASN A 201 3.86 -12.04 5.50
N GLN A 202 3.13 -11.46 6.45
CA GLN A 202 2.74 -10.05 6.36
C GLN A 202 3.89 -9.09 6.61
N THR A 203 5.00 -9.56 7.18
CA THR A 203 6.11 -8.68 7.47
C THR A 203 6.87 -8.25 6.23
N VAL A 204 6.46 -8.70 5.03
CA VAL A 204 7.04 -8.15 3.81
C VAL A 204 6.71 -6.67 3.70
N ASP A 205 5.56 -6.25 4.25
CA ASP A 205 5.25 -4.82 4.32
C ASP A 205 6.14 -4.11 5.32
N ILE A 206 6.52 -4.79 6.41
CA ILE A 206 7.39 -4.16 7.40
C ILE A 206 8.75 -3.85 6.80
N TRP A 207 9.27 -4.74 5.96
CA TRP A 207 10.52 -4.46 5.27
C TRP A 207 10.39 -3.21 4.40
N SER A 208 9.24 -3.06 3.74
CA SER A 208 9.00 -1.86 2.94
C SER A 208 8.97 -0.61 3.82
N VAL A 209 8.40 -0.72 5.02
CA VAL A 209 8.36 0.41 5.93
C VAL A 209 9.77 0.82 6.34
N GLY A 210 10.65 -0.17 6.57
CA GLY A 210 12.03 0.16 6.89
C GLY A 210 12.74 0.90 5.78
N CYS A 211 12.52 0.46 4.53
CA CYS A 211 13.14 1.16 3.40
C CYS A 211 12.58 2.57 3.26
N ILE A 212 11.28 2.74 3.52
CA ILE A 212 10.68 4.07 3.47
C ILE A 212 11.19 4.93 4.61
N MET A 213 11.19 4.39 5.84
CA MET A 213 11.66 5.15 6.99
C MET A 213 13.12 5.55 6.82
N ALA A 214 13.94 4.65 6.28
CA ALA A 214 15.34 4.99 6.04
C ALA A 214 15.47 6.10 5.01
N GLU A 215 14.56 6.14 4.02
CA GLU A 215 14.63 7.18 3.01
C GLU A 215 14.20 8.54 3.54
N LEU A 216 13.24 8.55 4.48
CA LEU A 216 12.82 9.82 5.08
C LEU A 216 13.92 10.39 5.96
N LEU A 217 14.79 9.55 6.51
CA LEU A 217 15.82 10.02 7.42
C LEU A 217 17.05 10.52 6.69
N THR A 218 17.32 10.00 5.48
CA THR A 218 18.53 10.34 4.76
C THR A 218 18.28 11.08 3.46
N GLY A 219 17.05 11.10 2.94
CA GLY A 219 16.78 11.68 1.65
C GLY A 219 17.24 10.86 0.47
N ARG A 220 17.92 9.74 0.71
CA ARG A 220 18.39 8.84 -0.33
C ARG A 220 17.58 7.56 -0.31
N THR A 221 17.38 6.97 -1.50
CA THR A 221 16.82 5.63 -1.58
C THR A 221 17.82 4.63 -0.99
N LEU A 222 17.33 3.75 -0.12
CA LEU A 222 18.23 2.86 0.60
C LEU A 222 18.82 1.79 -0.30
N PHE A 223 18.00 1.16 -1.15
CA PHE A 223 18.43 0.08 -2.02
C PHE A 223 18.03 0.39 -3.46
N PRO A 224 18.74 1.32 -4.12
CA PRO A 224 18.39 1.67 -5.51
C PRO A 224 18.94 0.66 -6.51
N GLY A 225 18.37 -0.53 -6.50
CA GLY A 225 18.87 -1.60 -7.35
C GLY A 225 18.40 -1.44 -8.79
N THR A 226 19.29 -1.78 -9.72
CA THR A 226 18.97 -1.71 -11.15
C THR A 226 18.21 -2.94 -11.63
N ASP A 227 18.29 -4.05 -10.90
CA ASP A 227 17.58 -5.27 -11.25
C ASP A 227 17.40 -6.10 -9.99
N HIS A 228 16.84 -7.29 -10.15
CA HIS A 228 16.61 -8.16 -8.99
C HIS A 228 17.91 -8.66 -8.38
N ILE A 229 18.93 -8.88 -9.19
CA ILE A 229 20.20 -9.34 -8.66
C ILE A 229 20.95 -8.20 -7.99
N ASP A 230 21.01 -7.05 -8.67
CA ASP A 230 21.66 -5.87 -8.08
C ASP A 230 20.93 -5.41 -6.82
N GLN A 231 19.63 -5.68 -6.72
CA GLN A 231 18.88 -5.34 -5.52
C GLN A 231 19.37 -6.15 -4.33
N LEU A 232 19.53 -7.46 -4.51
CA LEU A 232 19.98 -8.32 -3.41
C LEU A 232 21.41 -8.01 -3.01
N LYS A 233 22.26 -7.62 -3.96
CA LYS A 233 23.63 -7.27 -3.63
C LYS A 233 23.68 -6.02 -2.75
N LEU A 234 22.84 -5.04 -3.05
CA LEU A 234 22.76 -3.86 -2.20
C LEU A 234 22.21 -4.20 -0.82
N ILE A 235 21.25 -5.12 -0.76
CA ILE A 235 20.64 -5.48 0.52
C ILE A 235 21.66 -6.19 1.41
N LEU A 236 22.39 -7.15 0.84
CA LEU A 236 23.35 -7.92 1.61
C LEU A 236 24.52 -7.09 2.10
N ARG A 237 24.86 -6.01 1.41
CA ARG A 237 25.96 -5.17 1.87
C ARG A 237 25.64 -4.51 3.20
N LEU A 238 24.35 -4.36 3.53
CA LEU A 238 23.92 -3.75 4.79
C LEU A 238 23.58 -4.80 5.85
N VAL A 239 22.76 -5.79 5.49
CA VAL A 239 22.32 -6.79 6.47
C VAL A 239 23.31 -7.94 6.63
N GLY A 240 24.24 -8.11 5.69
CA GLY A 240 25.24 -9.16 5.80
C GLY A 240 24.78 -10.48 5.24
N THR A 241 25.69 -11.46 5.33
CA THR A 241 25.41 -12.79 4.83
C THR A 241 24.36 -13.48 5.70
N PRO A 242 23.42 -14.21 5.10
CA PRO A 242 22.48 -15.00 5.90
C PRO A 242 23.21 -15.99 6.79
N GLY A 243 22.69 -16.15 8.01
CA GLY A 243 23.30 -17.04 8.98
C GLY A 243 22.91 -18.48 8.77
N ALA A 244 23.45 -19.34 9.64
CA ALA A 244 23.14 -20.76 9.57
C ALA A 244 21.68 -21.04 9.91
N GLU A 245 21.09 -20.25 10.80
CA GLU A 245 19.69 -20.43 11.13
C GLU A 245 18.78 -20.14 9.94
N LEU A 246 19.07 -19.06 9.22
CA LEU A 246 18.26 -18.70 8.04
C LEU A 246 18.50 -19.68 6.90
N LEU A 247 19.74 -20.14 6.74
CA LEU A 247 20.05 -21.05 5.65
C LEU A 247 19.32 -22.39 5.81
N LYS A 248 19.04 -22.79 7.04
CA LYS A 248 18.29 -24.02 7.29
C LYS A 248 16.84 -23.93 6.82
N LYS A 249 16.29 -22.72 6.72
CA LYS A 249 14.87 -22.55 6.44
C LYS A 249 14.59 -22.18 4.98
N ILE A 250 15.59 -22.28 4.12
CA ILE A 250 15.43 -21.98 2.69
C ILE A 250 15.22 -23.29 1.95
N SER A 251 14.05 -23.45 1.35
CA SER A 251 13.69 -24.72 0.73
C SER A 251 14.25 -24.87 -0.68
N SER A 252 14.40 -23.76 -1.42
CA SER A 252 14.90 -23.83 -2.77
C SER A 252 16.40 -24.09 -2.78
N GLU A 253 16.81 -25.24 -3.32
CA GLU A 253 18.23 -25.54 -3.44
C GLU A 253 18.93 -24.55 -4.37
N SER A 254 18.23 -24.06 -5.38
CA SER A 254 18.82 -23.08 -6.29
C SER A 254 19.17 -21.79 -5.55
N ALA A 255 18.22 -21.25 -4.79
CA ALA A 255 18.50 -20.05 -4.02
C ALA A 255 19.49 -20.32 -2.89
N ARG A 256 19.38 -21.50 -2.26
CA ARG A 256 20.28 -21.83 -1.16
C ARG A 256 21.72 -21.96 -1.65
N ASN A 257 21.92 -22.38 -2.90
CA ASN A 257 23.26 -22.47 -3.44
C ASN A 257 23.78 -21.10 -3.90
N TYR A 258 22.91 -20.27 -4.47
CA TYR A 258 23.34 -18.94 -4.88
C TYR A 258 23.69 -18.08 -3.68
N ILE A 259 23.00 -18.26 -2.54
CA ILE A 259 23.36 -17.54 -1.33
C ILE A 259 24.72 -18.00 -0.82
N GLN A 260 24.99 -19.30 -0.88
CA GLN A 260 26.29 -19.84 -0.48
C GLN A 260 27.36 -19.61 -1.54
N SER A 261 27.03 -18.98 -2.68
CA SER A 261 28.03 -18.62 -3.67
C SER A 261 28.48 -17.17 -3.55
N LEU A 262 27.70 -16.33 -2.87
CA LEU A 262 28.10 -14.94 -2.64
C LEU A 262 29.13 -14.87 -1.53
N THR A 263 30.13 -14.01 -1.72
CA THR A 263 31.17 -13.87 -0.71
C THR A 263 30.58 -13.36 0.61
N GLN A 264 31.15 -13.83 1.71
CA GLN A 264 30.59 -13.58 3.04
C GLN A 264 30.71 -12.09 3.36
N MET A 265 29.59 -11.37 3.28
CA MET A 265 29.54 -9.95 3.64
C MET A 265 29.18 -9.80 5.11
N PRO A 266 29.88 -8.97 5.87
CA PRO A 266 29.52 -8.75 7.27
C PRO A 266 28.34 -7.81 7.41
N LYS A 267 27.57 -8.01 8.48
CA LYS A 267 26.44 -7.14 8.76
C LYS A 267 26.93 -5.80 9.25
N MET A 268 26.60 -4.74 8.52
CA MET A 268 26.94 -3.39 8.96
C MET A 268 26.13 -3.01 10.18
N ASN A 269 26.75 -2.23 11.07
CA ASN A 269 26.04 -1.66 12.21
C ASN A 269 25.29 -0.41 11.74
N PHE A 270 23.98 -0.40 11.94
CA PHE A 270 23.14 0.66 11.36
C PHE A 270 23.46 2.03 11.95
N ALA A 271 24.07 2.09 13.13
CA ALA A 271 24.50 3.38 13.66
C ALA A 271 25.62 3.99 12.83
N ASN A 272 26.42 3.16 12.16
CA ASN A 272 27.45 3.66 11.26
C ASN A 272 26.91 3.96 9.87
N VAL A 273 25.67 3.61 9.58
CA VAL A 273 25.05 3.91 8.29
C VAL A 273 24.10 5.09 8.40
N PHE A 274 23.16 5.04 9.35
CA PHE A 274 22.26 6.15 9.60
C PHE A 274 22.83 7.02 10.71
N ILE A 275 23.96 7.66 10.41
CA ILE A 275 24.61 8.51 11.39
C ILE A 275 23.74 9.72 11.69
N GLY A 276 23.96 10.30 12.87
CA GLY A 276 23.20 11.47 13.27
C GLY A 276 21.71 11.26 13.36
N ALA A 277 21.26 10.01 13.39
CA ALA A 277 19.85 9.70 13.50
C ALA A 277 19.49 9.34 14.94
N ASN A 278 18.22 9.47 15.27
CA ASN A 278 17.73 9.14 16.59
C ASN A 278 18.13 7.71 16.95
N PRO A 279 18.76 7.48 18.11
CA PRO A 279 19.12 6.10 18.48
C PRO A 279 17.94 5.15 18.52
N LEU A 280 16.74 5.65 18.82
CA LEU A 280 15.56 4.80 18.76
C LEU A 280 15.14 4.52 17.31
N ALA A 281 15.44 5.44 16.40
CA ALA A 281 15.15 5.19 15.00
C ALA A 281 16.09 4.12 14.43
N VAL A 282 17.36 4.15 14.86
CA VAL A 282 18.30 3.14 14.38
C VAL A 282 17.93 1.77 14.92
N ASP A 283 17.44 1.70 16.15
CA ASP A 283 17.07 0.40 16.73
C ASP A 283 15.84 -0.18 16.04
N LEU A 284 14.87 0.67 15.68
CA LEU A 284 13.68 0.17 15.00
C LEU A 284 14.03 -0.36 13.61
N LEU A 285 14.92 0.33 12.90
CA LEU A 285 15.34 -0.14 11.58
C LEU A 285 16.07 -1.47 11.70
N GLU A 286 16.84 -1.65 12.77
CA GLU A 286 17.51 -2.93 12.99
C GLU A 286 16.53 -4.08 13.17
N LYS A 287 15.32 -3.77 13.64
CA LYS A 287 14.30 -4.79 13.83
C LYS A 287 13.41 -4.97 12.61
N MET A 288 13.43 -4.02 11.67
CA MET A 288 12.62 -4.11 10.47
C MET A 288 13.39 -4.71 9.30
N LEU A 289 14.64 -4.27 9.10
CA LEU A 289 15.45 -4.73 7.96
C LEU A 289 16.23 -5.99 8.36
N VAL A 290 15.47 -7.04 8.63
CA VAL A 290 16.01 -8.35 8.99
C VAL A 290 15.67 -9.33 7.87
N LEU A 291 16.68 -10.11 7.44
CA LEU A 291 16.45 -11.09 6.38
C LEU A 291 15.45 -12.15 6.82
N ASP A 292 15.67 -12.72 8.01
CA ASP A 292 14.79 -13.77 8.53
C ASP A 292 13.42 -13.16 8.83
N SER A 293 12.46 -13.43 7.93
CA SER A 293 11.12 -12.89 8.13
C SER A 293 10.42 -13.48 9.35
N ASP A 294 10.88 -14.63 9.85
CA ASP A 294 10.32 -15.17 11.08
C ASP A 294 10.68 -14.35 12.30
N LYS A 295 11.78 -13.59 12.23
CA LYS A 295 12.22 -12.74 13.34
C LYS A 295 11.98 -11.27 13.07
N ARG A 296 11.37 -10.92 11.94
CA ARG A 296 11.10 -9.53 11.62
C ARG A 296 9.95 -9.01 12.47
N ILE A 297 10.05 -7.76 12.89
CA ILE A 297 9.06 -7.17 13.79
C ILE A 297 7.75 -6.98 13.03
N THR A 298 6.64 -7.18 13.74
CA THR A 298 5.32 -7.03 13.13
C THR A 298 4.82 -5.59 13.30
N ALA A 299 3.68 -5.30 12.67
CA ALA A 299 3.12 -3.95 12.75
C ALA A 299 2.69 -3.62 14.17
N ALA A 300 2.07 -4.57 14.86
CA ALA A 300 1.63 -4.32 16.24
C ALA A 300 2.82 -4.15 17.17
N GLN A 301 3.82 -5.01 17.05
CA GLN A 301 5.01 -4.90 17.90
C GLN A 301 5.75 -3.59 17.64
N ALA A 302 5.80 -3.14 16.38
CA ALA A 302 6.49 -1.91 16.06
C ALA A 302 5.78 -0.69 16.61
N LEU A 303 4.44 -0.74 16.69
CA LEU A 303 3.71 0.37 17.29
C LEU A 303 4.06 0.55 18.77
N ALA A 304 4.45 -0.53 19.43
CA ALA A 304 4.83 -0.47 20.84
C ALA A 304 6.30 -0.11 21.05
N HIS A 305 7.04 0.13 19.98
CA HIS A 305 8.44 0.52 20.11
C HIS A 305 8.56 1.89 20.74
N ALA A 306 9.65 2.10 21.47
CA ALA A 306 9.86 3.36 22.18
C ALA A 306 10.00 4.54 21.22
N TYR A 307 10.28 4.28 19.96
CA TYR A 307 10.41 5.36 18.98
C TYR A 307 9.09 6.11 18.80
N PHE A 308 7.97 5.43 19.01
CA PHE A 308 6.64 6.05 18.88
C PHE A 308 6.00 6.32 20.24
N ALA A 309 6.80 6.60 21.26
CA ALA A 309 6.24 6.84 22.58
C ALA A 309 5.39 8.09 22.61
N GLN A 310 5.67 9.06 21.73
CA GLN A 310 4.89 10.30 21.68
C GLN A 310 3.52 10.09 21.08
N TYR A 311 3.30 9.00 20.34
CA TYR A 311 2.03 8.78 19.65
C TYR A 311 1.35 7.45 19.99
N HIS A 312 2.05 6.49 20.57
CA HIS A 312 1.49 5.15 20.74
C HIS A 312 0.35 5.16 21.75
N ASP A 313 -0.77 4.55 21.37
CA ASP A 313 -1.91 4.35 22.25
C ASP A 313 -2.61 3.06 21.84
N PRO A 314 -2.48 1.99 22.64
CA PRO A 314 -3.05 0.70 22.22
C PRO A 314 -4.56 0.73 22.12
N ASP A 315 -5.24 1.60 22.86
CA ASP A 315 -6.69 1.70 22.80
C ASP A 315 -7.19 2.50 21.61
N ASP A 316 -6.29 3.06 20.79
CA ASP A 316 -6.68 3.82 19.61
C ASP A 316 -5.98 3.28 18.36
N GLU A 317 -5.59 2.00 18.39
CA GLU A 317 -4.98 1.32 17.24
C GLU A 317 -5.85 0.13 16.92
N PRO A 318 -7.00 0.34 16.27
CA PRO A 318 -7.99 -0.72 16.11
C PRO A 318 -7.58 -1.74 15.07
N VAL A 319 -8.23 -2.90 15.15
CA VAL A 319 -8.09 -3.95 14.13
C VAL A 319 -9.31 -3.92 13.23
N ALA A 320 -9.31 -4.74 12.19
CA ALA A 320 -10.36 -4.74 11.19
C ALA A 320 -11.38 -5.84 11.46
N ASP A 321 -12.61 -5.61 11.01
CA ASP A 321 -13.60 -6.67 10.96
C ASP A 321 -13.07 -7.78 10.05
N PRO A 322 -13.40 -9.04 10.33
CA PRO A 322 -12.86 -10.12 9.51
C PRO A 322 -13.33 -10.01 8.07
N TYR A 323 -12.43 -10.32 7.14
CA TYR A 323 -12.63 -10.07 5.71
C TYR A 323 -12.66 -11.40 4.96
N ASP A 324 -13.71 -11.61 4.18
CA ASP A 324 -13.94 -12.88 3.47
C ASP A 324 -13.19 -12.86 2.15
N GLN A 325 -12.10 -13.64 2.07
CA GLN A 325 -11.32 -13.77 0.85
C GLN A 325 -11.56 -15.09 0.14
N SER A 326 -12.69 -15.75 0.41
CA SER A 326 -12.93 -17.06 -0.20
C SER A 326 -13.10 -16.97 -1.72
N PHE A 327 -13.42 -15.79 -2.25
CA PHE A 327 -13.57 -15.64 -3.70
C PHE A 327 -12.24 -15.81 -4.42
N GLU A 328 -11.12 -15.62 -3.74
CA GLU A 328 -9.82 -15.74 -4.40
C GLU A 328 -9.51 -17.17 -4.83
N SER A 329 -10.16 -18.16 -4.24
CA SER A 329 -9.96 -19.56 -4.60
C SER A 329 -11.05 -20.07 -5.54
N ARG A 330 -11.77 -19.18 -6.22
CA ARG A 330 -12.87 -19.56 -7.08
C ARG A 330 -12.55 -19.23 -8.53
N ASP A 331 -13.02 -20.11 -9.42
CA ASP A 331 -12.80 -19.96 -10.86
C ASP A 331 -14.17 -19.76 -11.52
N LEU A 332 -14.46 -18.53 -11.89
CA LEU A 332 -15.77 -18.14 -12.40
C LEU A 332 -15.63 -17.51 -13.78
N LEU A 333 -16.77 -17.35 -14.45
CA LEU A 333 -16.81 -16.69 -15.75
C LEU A 333 -16.76 -15.18 -15.59
N ILE A 334 -16.60 -14.48 -16.73
CA ILE A 334 -16.52 -13.03 -16.70
C ILE A 334 -17.84 -12.43 -16.20
N ASP A 335 -18.95 -12.83 -16.82
CA ASP A 335 -20.25 -12.30 -16.42
C ASP A 335 -20.62 -12.68 -14.99
N GLU A 336 -20.03 -13.75 -14.45
CA GLU A 336 -20.22 -14.08 -13.04
C GLU A 336 -19.46 -13.10 -12.15
N TRP A 337 -18.22 -12.76 -12.51
CA TRP A 337 -17.50 -11.72 -11.79
C TRP A 337 -18.16 -10.37 -11.98
N LYS A 338 -18.67 -10.10 -13.19
CA LYS A 338 -19.38 -8.85 -13.44
C LYS A 338 -20.64 -8.76 -12.59
N SER A 339 -21.39 -9.86 -12.49
CA SER A 339 -22.61 -9.85 -11.70
C SER A 339 -22.31 -9.68 -10.21
N LEU A 340 -21.23 -10.30 -9.74
CA LEU A 340 -20.84 -10.15 -8.34
C LEU A 340 -20.40 -8.72 -8.04
N THR A 341 -19.69 -8.09 -8.99
CA THR A 341 -19.33 -6.69 -8.82
C THR A 341 -20.57 -5.79 -8.81
N TYR A 342 -21.55 -6.11 -9.65
CA TYR A 342 -22.77 -5.31 -9.69
C TYR A 342 -23.52 -5.40 -8.36
N ASP A 343 -23.50 -6.57 -7.72
CA ASP A 343 -24.12 -6.70 -6.41
C ASP A 343 -23.45 -5.80 -5.38
N GLU A 344 -22.11 -5.71 -5.44
CA GLU A 344 -21.39 -4.86 -4.49
C GLU A 344 -21.61 -3.39 -4.77
N VAL A 345 -21.84 -3.02 -6.04
CA VAL A 345 -22.17 -1.63 -6.35
C VAL A 345 -23.54 -1.26 -5.79
N ILE A 346 -24.52 -2.15 -5.94
CA ILE A 346 -25.87 -1.85 -5.49
C ILE A 346 -25.97 -1.87 -3.97
N SER A 347 -25.23 -2.76 -3.32
CA SER A 347 -25.32 -2.92 -1.88
C SER A 347 -24.49 -1.91 -1.10
N PHE A 348 -23.82 -0.98 -1.77
CA PHE A 348 -22.96 -0.04 -1.07
C PHE A 348 -23.78 0.95 -0.25
N VAL A 349 -23.36 1.17 1.00
CA VAL A 349 -23.98 2.13 1.88
C VAL A 349 -22.94 3.21 2.20
N PRO A 350 -23.20 4.47 1.90
CA PRO A 350 -22.19 5.52 2.12
C PRO A 350 -21.95 5.74 3.60
N PRO A 351 -20.78 6.23 3.97
CA PRO A 351 -20.53 6.58 5.37
C PRO A 351 -21.16 7.93 5.70
N PRO A 352 -21.60 8.12 6.94
CA PRO A 352 -22.17 9.41 7.34
C PRO A 352 -21.09 10.47 7.52
N LEU A 353 -21.51 11.73 7.41
CA LEU A 353 -20.61 12.86 7.60
C LEU A 353 -20.25 13.03 9.07
#